data_4CIS
#
_entry.id   4CIS
#
_cell.length_a   43.063
_cell.length_b   112.692
_cell.length_c   132.882
_cell.angle_alpha   90.00
_cell.angle_beta   90.00
_cell.angle_gamma   90.00
#
_symmetry.space_group_name_H-M   'P 21 21 21'
#
loop_
_entity.id
_entity.type
_entity.pdbx_description
1 polymer 'FORMAMIDOPYRIMIDIN DNA GLYCOSYLASE'
2 polymer DNA
3 polymer DNA
4 non-polymer 'ZINC ION'
5 non-polymer (R,R)-2,3-BUTANEDIOL
6 water water
#
loop_
_entity_poly.entity_id
_entity_poly.type
_entity_poly.pdbx_seq_one_letter_code
_entity_poly.pdbx_strand_id
1 'polypeptide(L)'
;MPELPEVETVRRELEKRIVGQKIISIEATYPRMVLTGFEQLKKELTGKIIQGIIRRGKYLIFEIGDDFRLISHLRMEGKY
RLATLDAPREKHDHLTMKFSDGQLIYADVRKFGTWELISTDQVLPYFLNKKIGPEPTYEDFDEKLFREKLRKSTKKIKPY
LLEQTLVAGLGNIYVDEVLWLAKIHPEKEANQLIESSIHLLHDSIIEILQKAIKLGGSSIRTYSALGSTGKMQNELQVYG
KTGEKCSRCGAEIQKIKVAGRGTHFCPFCQQKGSAWSHPQFEK
;
A,B
2 'polydeoxyribonucleotide' (DG)(DC)(DG)(DA)(DG)(DA)(DA)(DA)(DC)(DA)(DA)(DA)(DG)(DA) C
3 'polydeoxyribonucleotide' (DC)(DT)(DC)(DT)(DT)(DT)(68Z)(DT)(DT)(DT)(DC)(DT)(DC)(DG) D
#
# COMPACT_ATOMS: atom_id res chain seq x y z
N PRO A 2 8.27 -13.43 14.43
CA PRO A 2 7.64 -14.75 14.45
C PRO A 2 6.67 -15.05 13.31
N GLU A 3 6.74 -16.28 12.84
CA GLU A 3 5.93 -16.80 11.75
C GLU A 3 4.87 -17.70 12.40
N LEU A 4 4.09 -18.31 11.57
CA LEU A 4 2.96 -19.07 12.05
C LEU A 4 3.35 -20.10 13.14
N PRO A 5 4.41 -20.90 12.88
CA PRO A 5 4.74 -21.91 13.87
C PRO A 5 5.07 -21.35 15.23
N GLU A 6 5.80 -20.23 15.24
CA GLU A 6 6.15 -19.57 16.48
C GLU A 6 4.94 -19.02 17.21
N VAL A 7 3.99 -18.48 16.47
CA VAL A 7 2.79 -17.91 17.07
C VAL A 7 1.95 -19.02 17.66
N GLU A 8 1.83 -20.13 16.92
CA GLU A 8 1.11 -21.30 17.43
C GLU A 8 1.72 -21.87 18.66
N THR A 9 3.06 -21.87 18.75
CA THR A 9 3.73 -22.31 19.99
C THR A 9 3.38 -21.37 21.17
N VAL A 10 3.37 -20.07 20.89
CA VAL A 10 3.00 -19.10 21.89
C VAL A 10 1.55 -19.38 22.29
N ARG A 11 0.65 -19.64 21.34
CA ARG A 11 -0.75 -19.88 21.65
C ARG A 11 -0.93 -21.08 22.61
N ARG A 12 -0.21 -22.19 22.32
CA ARG A 12 -0.26 -23.39 23.18
C ARG A 12 0.24 -23.18 24.60
N GLU A 13 1.37 -22.48 24.76
CA GLU A 13 1.91 -22.19 26.07
C GLU A 13 0.95 -21.32 26.89
N LEU A 14 0.40 -20.29 26.26
CA LEU A 14 -0.58 -19.45 26.93
C LEU A 14 -1.85 -20.20 27.30
N GLU A 15 -2.34 -21.05 26.41
CA GLU A 15 -3.55 -21.85 26.66
C GLU A 15 -3.44 -22.71 27.92
N LYS A 16 -2.29 -23.35 28.08
CA LYS A 16 -2.01 -24.15 29.22
C LYS A 16 -2.01 -23.33 30.48
N ARG A 17 -1.55 -22.08 30.43
CA ARG A 17 -1.22 -21.35 31.65
C ARG A 17 -2.22 -20.29 32.13
N ILE A 18 -2.93 -19.60 31.22
CA ILE A 18 -3.74 -18.44 31.60
C ILE A 18 -5.23 -18.62 31.41
N VAL A 19 -5.67 -19.70 30.79
CA VAL A 19 -7.10 -20.00 30.60
C VAL A 19 -7.70 -20.25 31.97
N GLY A 20 -8.85 -19.65 32.23
CA GLY A 20 -9.49 -19.66 33.51
C GLY A 20 -9.13 -18.45 34.39
N GLN A 21 -8.12 -17.68 34.01
CA GLN A 21 -7.66 -16.60 34.89
C GLN A 21 -8.47 -15.35 34.72
N LYS A 22 -8.77 -14.73 35.83
CA LYS A 22 -9.39 -13.39 35.87
C LYS A 22 -8.35 -12.25 35.77
N ILE A 23 -8.61 -11.35 34.85
CA ILE A 23 -7.80 -10.12 34.73
C ILE A 23 -8.16 -9.15 35.86
N ILE A 24 -7.20 -8.88 36.72
CA ILE A 24 -7.31 -7.95 37.82
C ILE A 24 -7.10 -6.51 37.30
N SER A 25 -6.11 -6.30 36.44
CA SER A 25 -5.85 -5.00 35.88
C SER A 25 -5.15 -5.13 34.50
N ILE A 26 -5.26 -4.07 33.71
CA ILE A 26 -4.53 -3.87 32.45
C ILE A 26 -3.86 -2.49 32.48
N GLU A 27 -2.54 -2.45 32.31
CA GLU A 27 -1.78 -1.25 32.38
C GLU A 27 -0.91 -1.17 31.17
N ALA A 28 -0.58 0.05 30.74
CA ALA A 28 0.22 0.25 29.55
C ALA A 28 1.19 1.36 29.70
N THR A 29 2.46 1.17 29.31
CA THR A 29 3.34 2.35 29.07
C THR A 29 3.29 2.84 27.64
N TYR A 30 2.73 2.03 26.76
CA TYR A 30 2.52 2.41 25.32
C TYR A 30 1.10 2.11 24.82
N PRO A 31 0.11 2.87 25.33
CA PRO A 31 -1.28 2.64 24.97
C PRO A 31 -1.56 2.75 23.47
N ARG A 32 -0.77 3.51 22.74
CA ARG A 32 -1.02 3.69 21.30
C ARG A 32 -1.03 2.37 20.51
N MET A 33 -0.33 1.35 21.00
CA MET A 33 -0.36 0.06 20.32
C MET A 33 -1.72 -0.64 20.35
N VAL A 34 -2.60 -0.19 21.23
CA VAL A 34 -4.03 -0.66 21.24
C VAL A 34 -4.76 0.23 20.27
N LEU A 35 -4.84 -0.22 19.03
CA LEU A 35 -5.36 0.62 17.92
C LEU A 35 -6.80 1.05 18.12
N THR A 36 -7.58 0.24 18.81
CA THR A 36 -9.00 0.50 19.01
C THR A 36 -9.25 1.34 20.25
N GLY A 37 -8.22 1.64 21.02
CA GLY A 37 -8.33 2.56 22.15
C GLY A 37 -8.05 1.84 23.45
N PHE A 38 -6.97 2.24 24.13
CA PHE A 38 -6.57 1.52 25.33
C PHE A 38 -7.61 1.63 26.42
N GLU A 39 -8.21 2.79 26.62
CA GLU A 39 -9.14 2.97 27.74
C GLU A 39 -10.38 2.10 27.56
N GLN A 40 -10.92 2.07 26.34
CA GLN A 40 -12.00 1.13 26.00
C GLN A 40 -11.65 -0.34 26.36
N LEU A 41 -10.47 -0.74 25.99
CA LEU A 41 -10.06 -2.09 26.20
C LEU A 41 -9.99 -2.39 27.68
N LYS A 42 -9.38 -1.48 28.44
CA LYS A 42 -9.33 -1.53 29.90
C LYS A 42 -10.72 -1.67 30.51
N LYS A 43 -11.65 -0.84 30.05
CA LYS A 43 -13.03 -0.89 30.53
C LYS A 43 -13.69 -2.22 30.30
N GLU A 44 -13.53 -2.79 29.12
CA GLU A 44 -14.31 -3.94 28.73
C GLU A 44 -13.71 -5.26 29.25
N LEU A 45 -12.39 -5.35 29.41
CA LEU A 45 -11.73 -6.60 29.78
C LEU A 45 -11.36 -6.80 31.27
N THR A 46 -11.31 -5.71 32.01
CA THR A 46 -11.03 -5.79 33.39
C THR A 46 -12.10 -6.59 34.12
N GLY A 47 -11.65 -7.51 34.94
CA GLY A 47 -12.59 -8.33 35.70
C GLY A 47 -13.14 -9.49 34.88
N LYS A 48 -12.70 -9.71 33.64
CA LYS A 48 -13.26 -10.80 32.87
C LYS A 48 -12.30 -12.00 32.92
N ILE A 49 -12.80 -13.16 32.52
CA ILE A 49 -11.98 -14.38 32.51
C ILE A 49 -11.51 -14.78 31.10
N ILE A 50 -10.23 -15.11 31.03
CA ILE A 50 -9.70 -15.66 29.78
C ILE A 50 -10.14 -17.09 29.57
N GLN A 51 -10.95 -17.28 28.54
CA GLN A 51 -11.60 -18.54 28.25
C GLN A 51 -10.83 -19.41 27.29
N GLY A 52 -9.96 -18.81 26.48
CA GLY A 52 -9.33 -19.54 25.41
C GLY A 52 -8.47 -18.61 24.57
N ILE A 53 -7.61 -19.23 23.78
CA ILE A 53 -6.76 -18.48 22.87
C ILE A 53 -6.74 -19.25 21.59
N ILE A 54 -7.15 -18.54 20.56
CA ILE A 54 -7.20 -19.03 19.19
C ILE A 54 -6.06 -18.38 18.33
N ARG A 55 -5.80 -18.93 17.14
CA ARG A 55 -4.93 -18.31 16.17
C ARG A 55 -5.50 -18.41 14.79
N ARG A 56 -5.25 -17.40 13.99
CA ARG A 56 -5.57 -17.45 12.56
C ARG A 56 -4.38 -16.76 11.91
N GLY A 57 -3.71 -17.45 11.00
CA GLY A 57 -2.47 -16.93 10.45
C GLY A 57 -1.44 -16.71 11.53
N LYS A 58 -0.82 -15.54 11.52
CA LYS A 58 0.07 -15.11 12.57
C LYS A 58 -0.62 -14.32 13.69
N TYR A 59 -1.95 -14.24 13.64
CA TYR A 59 -2.72 -13.48 14.65
C TYR A 59 -3.15 -14.34 15.81
N LEU A 60 -2.97 -13.85 17.02
CA LEU A 60 -3.46 -14.51 18.21
C LEU A 60 -4.76 -13.85 18.55
N ILE A 61 -5.70 -14.63 19.10
CA ILE A 61 -7.07 -14.15 19.40
C ILE A 61 -7.40 -14.60 20.84
N PHE A 62 -7.49 -13.66 21.77
CA PHE A 62 -7.80 -14.00 23.12
C PHE A 62 -9.28 -13.90 23.30
N GLU A 63 -9.88 -14.96 23.80
CA GLU A 63 -11.31 -15.00 24.10
C GLU A 63 -11.45 -14.60 25.55
N ILE A 64 -11.90 -13.37 25.74
CA ILE A 64 -11.99 -12.78 27.03
C ILE A 64 -13.40 -12.30 27.21
N GLY A 65 -14.04 -12.83 28.24
CA GLY A 65 -15.48 -12.68 28.34
C GLY A 65 -16.07 -13.32 27.11
N ASP A 66 -17.27 -12.87 26.78
CA ASP A 66 -18.06 -13.45 25.73
C ASP A 66 -18.33 -12.50 24.55
N ASP A 67 -18.13 -11.21 24.74
CA ASP A 67 -18.58 -10.22 23.79
C ASP A 67 -17.44 -9.69 22.99
N PHE A 68 -16.27 -9.78 23.54
CA PHE A 68 -15.12 -9.23 22.87
C PHE A 68 -13.99 -10.23 22.75
N ARG A 69 -13.16 -9.98 21.76
CA ARG A 69 -11.94 -10.71 21.53
C ARG A 69 -10.82 -9.71 21.33
N LEU A 70 -9.67 -10.09 21.83
CA LEU A 70 -8.49 -9.34 21.66
C LEU A 70 -7.64 -9.99 20.59
N ILE A 71 -7.37 -9.23 19.56
CA ILE A 71 -6.61 -9.68 18.43
C ILE A 71 -5.27 -9.02 18.55
N SER A 72 -4.28 -9.88 18.69
CA SER A 72 -2.92 -9.49 18.95
C SER A 72 -2.03 -9.98 17.80
N HIS A 73 -1.26 -9.06 17.21
CA HIS A 73 -0.21 -9.45 16.25
C HIS A 73 1.16 -9.00 16.80
N LEU A 74 2.15 -9.92 16.79
CA LEU A 74 3.48 -9.64 17.36
C LEU A 74 4.40 -8.89 16.37
N ARG A 75 4.04 -8.91 15.10
CA ARG A 75 4.81 -8.41 14.00
C ARG A 75 6.20 -8.98 13.98
N MET A 76 7.21 -8.15 14.08
CA MET A 76 8.58 -8.65 13.92
C MET A 76 9.20 -9.17 15.17
N GLU A 77 8.93 -8.55 16.31
CA GLU A 77 9.70 -8.84 17.53
C GLU A 77 8.90 -8.97 18.81
N GLY A 78 7.59 -8.89 18.72
CA GLY A 78 6.75 -8.97 19.90
C GLY A 78 6.97 -10.24 20.66
N LYS A 79 6.95 -10.13 21.98
CA LYS A 79 7.05 -11.28 22.84
C LYS A 79 6.30 -11.19 24.10
N TYR A 80 5.65 -12.28 24.39
CA TYR A 80 4.93 -12.38 25.62
C TYR A 80 5.76 -13.13 26.60
N ARG A 81 5.70 -12.76 27.89
CA ARG A 81 6.19 -13.59 29.00
C ARG A 81 5.27 -13.55 30.22
N LEU A 82 5.28 -14.63 30.99
CA LEU A 82 4.65 -14.66 32.31
C LEU A 82 5.65 -14.33 33.39
N ALA A 83 5.27 -13.43 34.31
CA ALA A 83 6.17 -12.95 35.39
C ALA A 83 5.45 -12.90 36.70
N THR A 84 6.16 -12.74 37.78
CA THR A 84 5.48 -12.63 39.02
C THR A 84 4.98 -11.21 39.18
N LEU A 85 4.15 -11.00 40.19
CA LEU A 85 3.52 -9.69 40.37
C LEU A 85 4.52 -8.61 40.72
N ASP A 86 5.56 -8.97 41.44
CA ASP A 86 6.59 -8.00 41.81
C ASP A 86 7.69 -7.89 40.75
N ALA A 87 7.49 -8.45 39.59
CA ALA A 87 8.56 -8.46 38.57
C ALA A 87 8.98 -7.05 38.16
N PRO A 88 10.28 -6.83 37.99
CA PRO A 88 10.68 -5.51 37.57
C PRO A 88 10.41 -5.30 36.08
N ARG A 89 10.21 -4.05 35.70
CA ARG A 89 10.01 -3.67 34.32
C ARG A 89 11.24 -4.02 33.53
N GLU A 90 11.08 -4.30 32.25
CA GLU A 90 12.20 -4.33 31.31
C GLU A 90 11.98 -3.26 30.27
N LYS A 91 13.04 -2.86 29.58
CA LYS A 91 13.06 -1.67 28.69
C LYS A 91 11.94 -1.65 27.69
N HIS A 92 11.69 -2.73 27.02
CA HIS A 92 10.67 -2.73 25.95
C HIS A 92 9.34 -3.37 26.32
N ASP A 93 9.03 -3.43 27.62
CA ASP A 93 7.67 -3.80 28.08
C ASP A 93 6.71 -2.73 27.76
N HIS A 94 5.55 -3.06 27.23
CA HIS A 94 4.56 -2.07 26.84
C HIS A 94 3.23 -2.25 27.53
N LEU A 95 2.87 -3.49 27.75
CA LEU A 95 1.54 -3.81 28.26
C LEU A 95 1.59 -4.95 29.22
N THR A 96 0.67 -4.92 30.18
CA THR A 96 0.56 -6.05 31.10
C THR A 96 -0.86 -6.34 31.51
N MET A 97 -1.17 -7.65 31.54
CA MET A 97 -2.37 -8.20 32.12
C MET A 97 -2.02 -8.80 33.49
N LYS A 98 -2.56 -8.22 34.56
CA LYS A 98 -2.34 -8.74 35.92
C LYS A 98 -3.45 -9.71 36.38
N PHE A 99 -2.99 -10.83 36.90
CA PHE A 99 -3.87 -11.88 37.40
C PHE A 99 -3.58 -11.96 38.91
N SER A 100 -4.31 -12.76 39.67
CA SER A 100 -4.04 -12.73 41.15
C SER A 100 -2.69 -13.30 41.60
N ASP A 101 -1.99 -14.06 40.76
CA ASP A 101 -0.73 -14.60 41.17
C ASP A 101 0.37 -14.41 40.17
N GLY A 102 0.17 -13.51 39.21
CA GLY A 102 1.18 -13.22 38.24
C GLY A 102 0.64 -12.30 37.18
N GLN A 103 1.47 -12.08 36.15
CA GLN A 103 1.10 -11.15 35.09
C GLN A 103 1.66 -11.59 33.71
N LEU A 104 0.93 -11.24 32.67
CA LEU A 104 1.28 -11.49 31.29
C LEU A 104 1.76 -10.19 30.67
N ILE A 105 3.04 -10.12 30.37
CA ILE A 105 3.67 -8.89 29.87
C ILE A 105 3.92 -9.03 28.37
N TYR A 106 3.57 -7.98 27.62
CA TYR A 106 3.91 -7.88 26.19
C TYR A 106 5.05 -6.85 26.04
N ALA A 107 6.11 -7.26 25.36
CA ALA A 107 7.24 -6.42 25.08
C ALA A 107 7.48 -6.42 23.57
N ASP A 108 8.08 -5.33 23.09
CA ASP A 108 8.35 -5.21 21.63
C ASP A 108 9.37 -4.10 21.34
N VAL A 109 10.58 -4.51 21.04
CA VAL A 109 11.71 -3.59 20.77
C VAL A 109 11.35 -2.65 19.65
N ARG A 110 10.63 -3.10 18.64
CA ARG A 110 10.27 -2.24 17.48
C ARG A 110 9.03 -1.38 17.63
N LYS A 111 8.16 -1.76 18.54
CA LYS A 111 6.90 -1.12 18.75
C LYS A 111 5.95 -1.29 17.55
N PHE A 112 6.08 -2.40 16.80
CA PHE A 112 5.19 -2.63 15.66
C PHE A 112 3.97 -3.43 15.98
N GLY A 113 4.04 -4.28 17.00
CA GLY A 113 2.95 -5.14 17.32
C GLY A 113 1.73 -4.35 17.79
N THR A 114 0.58 -5.00 17.66
CA THR A 114 -0.73 -4.31 17.85
C THR A 114 -1.67 -5.16 18.69
N TRP A 115 -2.55 -4.48 19.41
CA TRP A 115 -3.77 -5.02 19.99
C TRP A 115 -4.98 -4.33 19.38
N GLU A 116 -6.01 -5.16 19.17
CA GLU A 116 -7.31 -4.70 18.65
C GLU A 116 -8.47 -5.40 19.34
N LEU A 117 -9.33 -4.62 19.98
CA LEU A 117 -10.48 -5.15 20.64
C LEU A 117 -11.59 -5.24 19.63
N ILE A 118 -12.07 -6.44 19.37
CA ILE A 118 -13.10 -6.69 18.32
C ILE A 118 -14.29 -7.39 18.95
N SER A 119 -15.52 -7.02 18.60
CA SER A 119 -16.67 -7.75 19.09
C SER A 119 -16.62 -9.15 18.48
N THR A 120 -17.06 -10.14 19.23
CA THR A 120 -17.07 -11.54 18.79
C THR A 120 -17.71 -11.74 17.41
N ASP A 121 -18.86 -11.12 17.15
CA ASP A 121 -19.44 -11.24 15.84
C ASP A 121 -18.56 -10.63 14.70
N GLN A 122 -17.54 -9.80 15.01
CA GLN A 122 -16.75 -9.17 13.96
C GLN A 122 -15.43 -9.91 13.67
N VAL A 123 -15.23 -11.03 14.32
CA VAL A 123 -13.97 -11.72 14.13
C VAL A 123 -13.91 -12.32 12.73
N LEU A 124 -14.97 -13.01 12.25
CA LEU A 124 -14.81 -13.64 10.97
C LEU A 124 -14.61 -12.54 9.95
N PRO A 125 -15.46 -11.51 9.95
CA PRO A 125 -15.30 -10.39 9.02
C PRO A 125 -13.91 -9.70 9.05
N TYR A 126 -13.35 -9.58 10.24
CA TYR A 126 -12.08 -8.93 10.37
C TYR A 126 -11.06 -9.66 9.49
N PHE A 127 -11.10 -11.00 9.53
CA PHE A 127 -10.17 -11.80 8.74
C PHE A 127 -10.50 -11.88 7.28
N LEU A 128 -11.78 -11.90 6.96
CA LEU A 128 -12.22 -11.77 5.58
C LEU A 128 -11.74 -10.48 5.00
N ASN A 129 -11.83 -9.41 5.79
CA ASN A 129 -11.49 -8.13 5.28
C ASN A 129 -9.97 -8.03 5.03
N LYS A 130 -9.14 -8.55 5.93
CA LYS A 130 -7.66 -8.69 5.64
C LYS A 130 -7.32 -9.61 4.44
N LYS A 131 -8.30 -10.32 3.90
CA LYS A 131 -8.08 -11.24 2.80
C LYS A 131 -7.03 -12.33 3.09
N ILE A 132 -6.89 -12.67 4.36
CA ILE A 132 -5.95 -13.68 4.76
C ILE A 132 -6.30 -15.06 4.11
N GLY A 133 -5.30 -15.72 3.58
CA GLY A 133 -5.46 -16.99 2.91
C GLY A 133 -5.71 -18.14 3.89
N PRO A 134 -5.84 -19.35 3.36
CA PRO A 134 -6.13 -20.51 4.17
C PRO A 134 -5.00 -20.95 5.10
N GLU A 135 -5.38 -21.56 6.21
CA GLU A 135 -4.43 -22.24 7.09
C GLU A 135 -3.65 -23.29 6.26
N PRO A 136 -2.35 -23.49 6.55
CA PRO A 136 -1.49 -24.44 5.85
C PRO A 136 -1.64 -25.86 6.38
N THR A 137 -2.79 -26.45 6.05
CA THR A 137 -3.17 -27.81 6.37
C THR A 137 -3.75 -28.49 5.12
N TYR A 138 -3.67 -29.83 5.06
CA TYR A 138 -4.25 -30.54 3.95
C TYR A 138 -5.75 -30.36 3.93
N GLU A 139 -6.34 -30.03 5.07
CA GLU A 139 -7.78 -29.80 5.19
C GLU A 139 -8.16 -28.50 4.49
N ASP A 140 -7.43 -27.43 4.73
CA ASP A 140 -7.86 -26.08 4.31
C ASP A 140 -7.22 -25.49 3.11
N PHE A 141 -5.98 -25.86 2.87
CA PHE A 141 -5.20 -25.30 1.80
C PHE A 141 -5.41 -26.12 0.52
N ASP A 142 -6.31 -25.66 -0.34
CA ASP A 142 -6.74 -26.35 -1.56
C ASP A 142 -5.75 -26.11 -2.73
N GLU A 143 -5.20 -27.19 -3.27
CA GLU A 143 -4.21 -27.03 -4.29
C GLU A 143 -4.83 -26.44 -5.53
N LYS A 144 -6.05 -26.81 -5.90
CA LYS A 144 -6.64 -26.31 -7.13
C LYS A 144 -6.72 -24.80 -7.13
N LEU A 145 -7.24 -24.22 -6.05
CA LEU A 145 -7.36 -22.75 -5.93
C LEU A 145 -5.97 -22.07 -6.00
N PHE A 146 -5.01 -22.73 -5.37
CA PHE A 146 -3.67 -22.26 -5.28
C PHE A 146 -3.06 -22.17 -6.67
N ARG A 147 -3.17 -23.27 -7.41
CA ARG A 147 -2.78 -23.36 -8.79
C ARG A 147 -3.45 -22.31 -9.67
N GLU A 148 -4.76 -22.18 -9.54
CA GLU A 148 -5.53 -21.22 -10.32
C GLU A 148 -5.00 -19.79 -10.10
N LYS A 149 -4.73 -19.43 -8.87
CA LYS A 149 -4.25 -18.08 -8.60
C LYS A 149 -2.84 -17.88 -9.14
N LEU A 150 -2.00 -18.89 -9.05
CA LEU A 150 -0.64 -18.74 -9.50
C LEU A 150 -0.56 -18.55 -11.01
N ARG A 151 -1.39 -19.29 -11.74
CA ARG A 151 -1.36 -19.30 -13.19
C ARG A 151 -1.74 -17.94 -13.78
N LYS A 152 -2.44 -17.16 -12.98
CA LYS A 152 -3.02 -15.88 -13.33
C LYS A 152 -2.12 -14.68 -13.01
N SER A 153 -0.93 -14.92 -12.51
CA SER A 153 -0.06 -13.84 -11.97
C SER A 153 1.39 -13.90 -12.50
N THR A 154 1.97 -12.74 -12.77
CA THR A 154 3.39 -12.62 -13.08
C THR A 154 4.21 -12.21 -11.85
N LYS A 155 3.63 -12.19 -10.67
CA LYS A 155 4.40 -11.90 -9.45
C LYS A 155 5.52 -12.93 -9.19
N LYS A 156 6.64 -12.46 -8.64
CA LYS A 156 7.70 -13.32 -8.20
C LYS A 156 7.13 -14.18 -7.04
N ILE A 157 7.55 -15.44 -6.99
CA ILE A 157 6.87 -16.36 -6.14
C ILE A 157 7.11 -16.06 -4.68
N LYS A 158 8.34 -15.71 -4.28
CA LYS A 158 8.59 -15.42 -2.84
C LYS A 158 7.73 -14.24 -2.28
N PRO A 159 7.85 -13.05 -2.87
CA PRO A 159 6.97 -11.93 -2.41
C PRO A 159 5.45 -12.33 -2.44
N TYR A 160 5.01 -13.11 -3.42
CA TYR A 160 3.59 -13.46 -3.52
C TYR A 160 3.21 -14.39 -2.37
N LEU A 161 4.03 -15.38 -2.12
CA LEU A 161 3.83 -16.20 -0.96
C LEU A 161 3.78 -15.43 0.36
N LEU A 162 4.63 -14.43 0.50
CA LEU A 162 4.69 -13.64 1.71
C LEU A 162 3.50 -12.69 1.93
N GLU A 163 2.73 -12.38 0.89
CA GLU A 163 1.45 -11.60 1.00
C GLU A 163 0.40 -12.20 1.87
N GLN A 164 0.46 -13.50 2.14
CA GLN A 164 -0.47 -14.13 3.09
C GLN A 164 -1.83 -14.37 2.50
N THR A 165 -1.99 -14.10 1.22
CA THR A 165 -3.29 -14.28 0.57
C THR A 165 -3.42 -15.67 -0.09
N LEU A 166 -2.35 -16.19 -0.67
CA LEU A 166 -2.36 -17.57 -1.22
C LEU A 166 -2.51 -18.64 -0.14
N VAL A 167 -1.87 -18.35 1.00
CA VAL A 167 -1.87 -19.18 2.20
C VAL A 167 -1.27 -18.33 3.31
N ALA A 168 -1.77 -18.57 4.53
CA ALA A 168 -1.33 -17.75 5.63
C ALA A 168 -0.18 -18.45 6.38
N GLY A 169 0.78 -17.65 6.85
CA GLY A 169 1.69 -18.14 7.87
C GLY A 169 3.14 -18.12 7.57
N LEU A 170 3.47 -17.91 6.30
CA LEU A 170 4.86 -17.90 5.89
C LEU A 170 5.45 -16.54 6.19
N GLY A 171 6.66 -16.56 6.75
CA GLY A 171 7.54 -15.40 6.85
C GLY A 171 8.85 -15.64 6.09
N ASN A 172 9.83 -14.79 6.33
CA ASN A 172 11.02 -14.81 5.53
C ASN A 172 11.80 -16.09 5.66
N ILE A 173 11.78 -16.68 6.85
CA ILE A 173 12.53 -17.85 7.11
C ILE A 173 11.87 -19.05 6.43
N TYR A 174 10.59 -19.29 6.71
CA TYR A 174 9.97 -20.49 6.12
C TYR A 174 9.69 -20.40 4.61
N VAL A 175 9.57 -19.20 4.07
CA VAL A 175 9.40 -19.12 2.62
C VAL A 175 10.68 -19.64 1.92
N ASP A 176 11.85 -19.24 2.43
CA ASP A 176 13.12 -19.68 1.86
C ASP A 176 13.22 -21.24 1.98
N GLU A 177 12.85 -21.76 3.16
CA GLU A 177 12.84 -23.22 3.39
C GLU A 177 11.96 -23.97 2.45
N VAL A 178 10.76 -23.46 2.29
CA VAL A 178 9.82 -24.05 1.37
C VAL A 178 10.24 -24.00 -0.10
N LEU A 179 10.77 -22.86 -0.53
CA LEU A 179 11.22 -22.81 -1.94
C LEU A 179 12.37 -23.76 -2.25
N TRP A 180 13.25 -23.90 -1.25
CA TRP A 180 14.32 -24.85 -1.34
C TRP A 180 13.80 -26.28 -1.45
N LEU A 181 12.96 -26.66 -0.51
CA LEU A 181 12.37 -27.94 -0.51
C LEU A 181 11.66 -28.21 -1.86
N ALA A 182 11.02 -27.20 -2.45
CA ALA A 182 10.31 -27.38 -3.74
C ALA A 182 11.17 -27.14 -4.99
N LYS A 183 12.44 -26.85 -4.78
CA LYS A 183 13.32 -26.55 -5.89
C LYS A 183 12.83 -25.42 -6.80
N ILE A 184 12.38 -24.33 -6.20
CA ILE A 184 11.94 -23.17 -6.96
C ILE A 184 12.78 -21.92 -6.61
N HIS A 185 13.26 -21.22 -7.63
CA HIS A 185 13.90 -19.94 -7.42
C HIS A 185 12.92 -18.92 -6.86
N PRO A 186 13.33 -18.18 -5.86
CA PRO A 186 12.44 -17.13 -5.30
C PRO A 186 11.94 -16.02 -6.28
N GLU A 187 12.63 -15.81 -7.40
CA GLU A 187 12.23 -14.79 -8.40
C GLU A 187 11.51 -15.37 -9.57
N LYS A 188 11.28 -16.67 -9.56
CA LYS A 188 10.40 -17.27 -10.55
C LYS A 188 9.02 -16.62 -10.50
N GLU A 189 8.55 -16.24 -11.68
CA GLU A 189 7.20 -15.76 -11.88
C GLU A 189 6.19 -16.89 -11.70
N ALA A 190 5.25 -16.65 -10.79
CA ALA A 190 4.17 -17.55 -10.51
C ALA A 190 3.58 -18.28 -11.71
N ASN A 191 3.30 -17.59 -12.80
CA ASN A 191 2.64 -18.24 -13.90
C ASN A 191 3.60 -19.04 -14.78
N GLN A 192 4.88 -19.11 -14.41
CA GLN A 192 5.81 -19.95 -15.16
C GLN A 192 5.94 -21.28 -14.43
N LEU A 193 5.32 -21.42 -13.26
CA LEU A 193 5.45 -22.70 -12.52
C LEU A 193 4.70 -23.81 -13.17
N ILE A 194 5.32 -24.99 -13.30
CA ILE A 194 4.62 -26.15 -13.83
C ILE A 194 3.61 -26.71 -12.81
N GLU A 195 2.66 -27.50 -13.30
CA GLU A 195 1.68 -28.17 -12.46
C GLU A 195 2.34 -29.04 -11.36
N SER A 196 3.40 -29.75 -11.72
CA SER A 196 4.06 -30.66 -10.78
C SER A 196 4.82 -29.80 -9.74
N SER A 197 5.40 -28.73 -10.23
CA SER A 197 6.14 -27.83 -9.36
C SER A 197 5.19 -27.17 -8.31
N ILE A 198 4.00 -26.78 -8.75
CA ILE A 198 2.99 -26.23 -7.89
C ILE A 198 2.51 -27.24 -6.86
N HIS A 199 2.36 -28.51 -7.29
CA HIS A 199 1.96 -29.58 -6.37
C HIS A 199 2.98 -29.68 -5.20
N LEU A 200 4.25 -29.74 -5.56
CA LEU A 200 5.31 -29.89 -4.60
C LEU A 200 5.43 -28.68 -3.68
N LEU A 201 5.18 -27.50 -4.25
CA LEU A 201 5.20 -26.28 -3.46
C LEU A 201 4.08 -26.34 -2.40
N HIS A 202 2.89 -26.73 -2.87
CA HIS A 202 1.75 -26.88 -2.00
C HIS A 202 2.08 -27.78 -0.82
N ASP A 203 2.58 -28.99 -1.11
CA ASP A 203 2.87 -29.88 -0.05
C ASP A 203 4.04 -29.46 0.85
N SER A 204 5.09 -28.87 0.27
CA SER A 204 6.23 -28.39 1.04
C SER A 204 5.83 -27.27 2.01
N ILE A 205 4.86 -26.45 1.64
CA ILE A 205 4.36 -25.38 2.54
C ILE A 205 3.82 -26.03 3.84
N ILE A 206 2.96 -27.00 3.64
CA ILE A 206 2.28 -27.69 4.75
C ILE A 206 3.30 -28.49 5.53
N GLU A 207 4.14 -29.22 4.82
CA GLU A 207 5.05 -30.15 5.49
C GLU A 207 6.03 -29.35 6.36
N ILE A 208 6.55 -28.25 5.85
CA ILE A 208 7.52 -27.46 6.65
C ILE A 208 6.88 -26.74 7.84
N LEU A 209 5.70 -26.20 7.61
CA LEU A 209 5.06 -25.42 8.66
C LEU A 209 4.51 -26.33 9.74
N GLN A 210 3.93 -27.49 9.36
CA GLN A 210 3.47 -28.48 10.35
C GLN A 210 4.66 -29.08 11.14
N LYS A 211 5.76 -29.38 10.45
CA LYS A 211 6.93 -29.88 11.12
C LYS A 211 7.41 -28.87 12.18
N ALA A 212 7.54 -27.60 11.75
CA ALA A 212 7.98 -26.56 12.63
C ALA A 212 7.07 -26.38 13.85
N ILE A 213 5.75 -26.48 13.68
CA ILE A 213 4.81 -26.51 14.86
C ILE A 213 5.16 -27.65 15.82
N LYS A 214 5.38 -28.81 15.24
CA LYS A 214 5.74 -30.02 15.97
C LYS A 214 7.01 -29.84 16.75
N LEU A 215 7.98 -29.08 16.19
CA LEU A 215 9.21 -28.83 16.95
C LEU A 215 9.23 -27.56 17.80
N GLY A 216 8.04 -26.93 18.02
CA GLY A 216 7.98 -25.71 18.83
C GLY A 216 8.59 -24.46 18.19
N GLY A 217 8.61 -24.38 16.86
CA GLY A 217 9.16 -23.24 16.15
C GLY A 217 10.70 -23.19 16.15
N SER A 218 11.20 -22.16 15.50
CA SER A 218 12.63 -21.89 15.46
C SER A 218 13.03 -20.87 16.51
N SER A 219 14.04 -21.22 17.29
CA SER A 219 14.71 -20.27 18.16
C SER A 219 16.02 -19.93 17.51
N ILE A 220 16.18 -18.65 17.20
CA ILE A 220 17.41 -18.02 16.71
C ILE A 220 17.66 -16.85 17.65
N THR A 229 11.13 -22.58 23.60
CA THR A 229 12.39 -23.21 23.24
C THR A 229 12.17 -24.16 22.07
N GLY A 230 12.23 -23.62 20.87
CA GLY A 230 11.98 -24.36 19.72
C GLY A 230 13.20 -25.17 19.28
N LYS A 231 12.99 -26.11 18.37
CA LYS A 231 14.05 -26.95 17.83
C LYS A 231 14.11 -26.93 16.29
N MET A 232 13.14 -26.28 15.61
CA MET A 232 13.10 -26.18 14.15
C MET A 232 14.35 -25.52 13.53
N GLN A 233 15.10 -24.71 14.28
CA GLN A 233 16.34 -24.15 13.76
C GLN A 233 17.38 -25.19 13.40
N ASN A 234 17.36 -26.35 14.06
CA ASN A 234 18.22 -27.45 13.68
C ASN A 234 17.87 -28.04 12.29
N GLU A 235 16.68 -27.75 11.74
CA GLU A 235 16.27 -28.38 10.52
C GLU A 235 16.23 -27.41 9.34
N LEU A 236 16.74 -26.20 9.54
CA LEU A 236 16.79 -25.22 8.49
C LEU A 236 17.84 -25.62 7.43
N GLN A 237 17.42 -25.66 6.19
CA GLN A 237 18.33 -26.02 5.12
C GLN A 237 19.02 -24.86 4.43
N VAL A 238 18.44 -23.67 4.41
CA VAL A 238 19.05 -22.49 3.73
C VAL A 238 19.17 -21.21 4.58
N TYR A 239 18.22 -20.97 5.48
CA TYR A 239 18.21 -19.71 6.21
C TYR A 239 19.46 -19.66 7.07
N GLY A 240 20.22 -18.58 6.96
CA GLY A 240 21.48 -18.42 7.71
C GLY A 240 22.67 -19.26 7.29
N LYS A 241 22.61 -19.91 6.14
CA LYS A 241 23.65 -20.87 5.71
C LYS A 241 24.40 -20.33 4.49
N THR A 242 24.47 -19.02 4.35
CA THR A 242 25.16 -18.44 3.22
C THR A 242 26.58 -19.01 3.20
N GLY A 243 26.94 -19.65 2.08
CA GLY A 243 28.32 -20.09 1.85
C GLY A 243 28.48 -21.55 2.16
N GLU A 244 27.56 -22.11 2.93
CA GLU A 244 27.67 -23.50 3.34
C GLU A 244 27.13 -24.37 2.21
N LYS A 245 27.35 -25.67 2.30
CA LYS A 245 26.99 -26.57 1.23
C LYS A 245 25.54 -27.02 1.28
N CYS A 246 24.84 -26.96 0.15
CA CYS A 246 23.47 -27.49 0.05
C CYS A 246 23.51 -28.94 0.42
N SER A 247 22.66 -29.38 1.32
CA SER A 247 22.71 -30.79 1.78
C SER A 247 22.34 -31.74 0.69
N ARG A 248 21.71 -31.25 -0.36
CA ARG A 248 21.19 -32.06 -1.46
C ARG A 248 22.23 -32.18 -2.56
N CYS A 249 22.90 -31.09 -2.93
CA CYS A 249 23.82 -31.12 -4.11
C CYS A 249 25.29 -30.73 -3.87
N GLY A 250 25.57 -30.15 -2.73
CA GLY A 250 26.91 -29.68 -2.41
C GLY A 250 27.17 -28.25 -2.87
N ALA A 251 26.24 -27.59 -3.55
CA ALA A 251 26.45 -26.18 -4.03
C ALA A 251 26.49 -25.23 -2.84
N GLU A 252 27.12 -24.05 -2.98
CA GLU A 252 27.16 -23.03 -1.95
C GLU A 252 25.86 -22.23 -1.94
N ILE A 253 25.24 -22.17 -0.77
CA ILE A 253 24.03 -21.46 -0.60
C ILE A 253 24.33 -19.98 -0.81
N GLN A 254 23.47 -19.30 -1.57
CA GLN A 254 23.67 -17.87 -1.91
C GLN A 254 22.61 -17.04 -1.14
N LYS A 255 22.93 -15.76 -0.95
CA LYS A 255 22.05 -14.78 -0.33
C LYS A 255 21.90 -13.62 -1.28
N ILE A 256 20.67 -13.36 -1.74
CA ILE A 256 20.37 -12.13 -2.51
C ILE A 256 19.24 -11.37 -1.86
N LYS A 257 18.93 -10.20 -2.40
CA LYS A 257 17.81 -9.38 -1.96
C LYS A 257 16.67 -9.57 -2.93
N VAL A 258 15.48 -9.93 -2.44
CA VAL A 258 14.33 -10.04 -3.32
C VAL A 258 13.25 -9.12 -2.76
N ALA A 259 12.80 -8.15 -3.56
CA ALA A 259 11.81 -7.17 -3.13
C ALA A 259 12.22 -6.70 -1.72
N GLY A 260 13.46 -6.36 -1.57
CA GLY A 260 13.97 -5.84 -0.33
C GLY A 260 14.25 -6.81 0.80
N ARG A 261 14.06 -8.10 0.60
CA ARG A 261 14.27 -9.04 1.66
C ARG A 261 15.45 -9.93 1.44
N GLY A 262 16.20 -10.12 2.52
CA GLY A 262 17.21 -11.16 2.63
C GLY A 262 16.70 -12.51 2.18
N THR A 263 17.41 -13.13 1.23
CA THR A 263 16.90 -14.36 0.63
C THR A 263 18.04 -15.38 0.39
N HIS A 264 17.88 -16.56 0.99
CA HIS A 264 18.82 -17.65 0.90
C HIS A 264 18.27 -18.74 -0.02
N PHE A 265 19.10 -19.23 -0.92
CA PHE A 265 18.76 -20.29 -1.87
C PHE A 265 19.96 -21.08 -2.41
N CYS A 266 19.66 -22.28 -2.92
CA CYS A 266 20.67 -23.11 -3.64
C CYS A 266 20.65 -22.75 -5.12
N PRO A 267 21.81 -22.32 -5.67
CA PRO A 267 21.91 -21.85 -7.08
C PRO A 267 21.87 -22.95 -8.08
N PHE A 268 22.05 -24.19 -7.62
CA PHE A 268 21.82 -25.37 -8.46
C PHE A 268 20.40 -25.98 -8.36
N CYS A 269 19.94 -26.26 -7.14
CA CYS A 269 18.63 -26.88 -6.92
C CYS A 269 17.50 -25.87 -7.25
N GLN A 270 17.77 -24.56 -7.14
CA GLN A 270 16.75 -23.56 -7.47
C GLN A 270 17.20 -22.61 -8.55
N GLN A 271 16.71 -22.81 -9.76
CA GLN A 271 17.09 -22.04 -10.92
C GLN A 271 15.89 -21.37 -11.60
N LYS A 272 16.09 -20.12 -12.02
CA LYS A 272 15.03 -19.32 -12.60
C LYS A 272 14.82 -19.91 -13.96
N PRO B 2 0.98 12.79 -9.18
CA PRO B 2 0.73 14.23 -9.08
C PRO B 2 -0.70 14.61 -9.43
N GLU B 3 -1.15 15.75 -8.93
CA GLU B 3 -2.49 16.22 -9.22
C GLU B 3 -2.42 17.34 -10.25
N LEU B 4 -3.54 17.98 -10.55
CA LEU B 4 -3.55 18.99 -11.58
C LEU B 4 -2.50 20.08 -11.43
N PRO B 5 -2.28 20.58 -10.23
CA PRO B 5 -1.37 21.70 -10.10
C PRO B 5 0.06 21.29 -10.40
N GLU B 6 0.38 20.04 -10.09
CA GLU B 6 1.70 19.54 -10.26
C GLU B 6 1.91 19.27 -11.74
N VAL B 7 0.87 18.76 -12.41
CA VAL B 7 0.98 18.48 -13.84
C VAL B 7 1.10 19.82 -14.58
N GLU B 8 0.36 20.83 -14.12
CA GLU B 8 0.44 22.13 -14.74
C GLU B 8 1.87 22.71 -14.58
N THR B 9 2.45 22.59 -13.40
CA THR B 9 3.78 23.06 -13.14
C THR B 9 4.77 22.32 -14.07
N VAL B 10 4.56 21.04 -14.30
CA VAL B 10 5.42 20.34 -15.16
C VAL B 10 5.23 20.84 -16.56
N ARG B 11 3.99 21.07 -16.96
CA ARG B 11 3.70 21.48 -18.33
C ARG B 11 4.40 22.81 -18.67
N ARG B 12 4.33 23.72 -17.73
CA ARG B 12 5.04 25.02 -17.83
C ARG B 12 6.56 24.91 -17.97
N GLU B 13 7.18 24.07 -17.17
CA GLU B 13 8.62 23.94 -17.20
C GLU B 13 9.03 23.35 -18.52
N LEU B 14 8.25 22.43 -19.05
CA LEU B 14 8.66 21.83 -20.30
C LEU B 14 8.43 22.73 -21.47
N GLU B 15 7.34 23.47 -21.40
CA GLU B 15 6.97 24.41 -22.42
C GLU B 15 8.08 25.42 -22.58
N LYS B 16 8.67 25.85 -21.47
CA LYS B 16 9.76 26.79 -21.49
C LYS B 16 11.02 26.18 -22.04
N ARG B 17 11.18 24.86 -21.98
CA ARG B 17 12.48 24.32 -22.30
C ARG B 17 12.55 23.42 -23.51
N ILE B 18 11.45 22.83 -23.98
CA ILE B 18 11.55 21.88 -25.11
C ILE B 18 10.81 22.22 -26.40
N VAL B 19 9.95 23.23 -26.39
CA VAL B 19 9.18 23.54 -27.55
C VAL B 19 10.23 23.97 -28.55
N GLY B 20 10.14 23.51 -29.79
CA GLY B 20 11.12 23.89 -30.83
C GLY B 20 12.24 22.87 -30.98
N GLN B 21 12.31 21.90 -30.08
CA GLN B 21 13.28 20.83 -30.16
C GLN B 21 12.80 19.70 -31.05
N LYS B 22 13.74 19.22 -31.85
CA LYS B 22 13.48 18.11 -32.74
C LYS B 22 13.95 16.82 -32.06
N ILE B 23 13.11 15.82 -32.14
CA ILE B 23 13.38 14.55 -31.56
C ILE B 23 14.37 13.77 -32.44
N ILE B 24 15.55 13.51 -31.88
CA ILE B 24 16.56 12.69 -32.54
C ILE B 24 16.34 11.21 -32.34
N SER B 25 15.95 10.83 -31.15
CA SER B 25 15.75 9.43 -30.86
C SER B 25 14.85 9.25 -29.61
N ILE B 26 14.13 8.14 -29.59
CA ILE B 26 13.33 7.74 -28.44
C ILE B 26 13.69 6.32 -28.08
N GLU B 27 14.09 6.12 -26.83
CA GLU B 27 14.57 4.81 -26.37
C GLU B 27 13.88 4.47 -25.09
N ALA B 28 13.74 3.18 -24.86
CA ALA B 28 12.96 2.73 -23.74
C ALA B 28 13.56 1.55 -23.12
N THR B 29 13.64 1.54 -21.81
CA THR B 29 13.95 0.31 -21.11
C THR B 29 12.66 -0.35 -20.62
N TYR B 30 11.54 0.38 -20.63
CA TYR B 30 10.23 -0.19 -20.26
C TYR B 30 9.15 0.14 -21.31
N PRO B 31 9.26 -0.44 -22.52
CA PRO B 31 8.38 -0.08 -23.61
C PRO B 31 6.88 -0.35 -23.34
N ARG B 32 6.58 -1.22 -22.39
CA ARG B 32 5.22 -1.61 -22.08
C ARG B 32 4.34 -0.49 -21.59
N MET B 33 4.95 0.56 -21.02
CA MET B 33 4.13 1.71 -20.59
C MET B 33 3.63 2.58 -21.78
N VAL B 34 4.16 2.36 -22.97
CA VAL B 34 3.60 2.98 -24.17
C VAL B 34 2.49 2.08 -24.64
N LEU B 35 1.27 2.35 -24.15
CA LEU B 35 0.13 1.44 -24.32
C LEU B 35 -0.27 1.24 -25.77
N THR B 36 -0.05 2.19 -26.65
CA THR B 36 -0.40 2.04 -28.06
C THR B 36 0.69 1.36 -28.91
N GLY B 37 1.86 1.11 -28.36
CA GLY B 37 2.90 0.38 -29.07
C GLY B 37 4.14 1.21 -29.16
N PHE B 38 5.21 0.77 -28.51
CA PHE B 38 6.41 1.60 -28.47
C PHE B 38 6.99 1.80 -29.88
N GLU B 39 7.02 0.77 -30.69
CA GLU B 39 7.65 0.88 -31.98
C GLU B 39 6.93 1.84 -32.87
N GLN B 40 5.61 1.82 -32.85
CA GLN B 40 4.86 2.77 -33.63
C GLN B 40 5.20 4.20 -33.16
N LEU B 41 5.32 4.39 -31.87
CA LEU B 41 5.59 5.70 -31.33
C LEU B 41 6.94 6.19 -31.80
N LYS B 42 7.93 5.31 -31.74
CA LYS B 42 9.31 5.62 -32.14
C LYS B 42 9.27 6.02 -33.60
N LYS B 43 8.62 5.21 -34.41
CA LYS B 43 8.56 5.48 -35.83
C LYS B 43 7.82 6.79 -36.17
N GLU B 44 6.75 7.12 -35.44
CA GLU B 44 5.96 8.28 -35.77
C GLU B 44 6.55 9.58 -35.28
N LEU B 45 7.23 9.60 -34.13
CA LEU B 45 7.69 10.88 -33.55
C LEU B 45 9.18 11.24 -33.85
N THR B 46 9.99 10.22 -34.17
CA THR B 46 11.40 10.44 -34.40
C THR B 46 11.56 11.39 -35.54
N GLY B 47 12.38 12.41 -35.33
CA GLY B 47 12.65 13.39 -36.36
C GLY B 47 11.69 14.58 -36.37
N LYS B 48 10.69 14.61 -35.49
CA LYS B 48 9.70 15.65 -35.51
C LYS B 48 10.00 16.71 -34.47
N ILE B 49 9.38 17.87 -34.63
CA ILE B 49 9.60 18.96 -33.71
C ILE B 49 8.48 18.99 -32.65
N ILE B 50 8.86 19.26 -31.41
CA ILE B 50 7.86 19.44 -30.34
C ILE B 50 7.35 20.88 -30.45
N GLN B 51 6.09 21.00 -30.82
CA GLN B 51 5.50 22.27 -31.14
C GLN B 51 4.81 22.90 -29.94
N GLY B 52 4.49 22.11 -28.94
CA GLY B 52 3.76 22.63 -27.78
C GLY B 52 3.43 21.51 -26.78
N ILE B 53 2.98 21.92 -25.59
CA ILE B 53 2.51 20.95 -24.59
C ILE B 53 1.28 21.54 -23.95
N ILE B 54 0.15 20.81 -24.01
CA ILE B 54 -1.08 21.20 -23.35
C ILE B 54 -1.34 20.25 -22.18
N ARG B 55 -2.40 20.52 -21.45
CA ARG B 55 -2.81 19.73 -20.34
C ARG B 55 -4.32 19.75 -20.32
N ARG B 56 -4.91 18.59 -20.04
CA ARG B 56 -6.32 18.42 -19.75
C ARG B 56 -6.38 17.59 -18.51
N GLY B 57 -7.00 18.10 -17.44
CA GLY B 57 -6.99 17.38 -16.18
C GLY B 57 -5.59 17.15 -15.70
N LYS B 58 -5.29 15.92 -15.30
CA LYS B 58 -3.97 15.45 -14.98
C LYS B 58 -3.12 14.95 -16.18
N TYR B 59 -3.60 15.08 -17.39
CA TYR B 59 -2.92 14.54 -18.57
C TYR B 59 -2.11 15.61 -19.24
N LEU B 60 -0.90 15.23 -19.63
CA LEU B 60 -0.10 16.08 -20.46
C LEU B 60 -0.32 15.69 -21.96
N ILE B 61 -0.25 16.66 -22.85
CA ILE B 61 -0.51 16.43 -24.25
C ILE B 61 0.63 17.08 -25.00
N PHE B 62 1.50 16.27 -25.56
CA PHE B 62 2.53 16.79 -26.43
C PHE B 62 2.11 16.87 -27.90
N GLU B 63 2.26 18.04 -28.50
CA GLU B 63 2.00 18.24 -29.89
C GLU B 63 3.33 18.13 -30.56
N ILE B 64 3.52 17.02 -31.23
CA ILE B 64 4.74 16.74 -31.90
C ILE B 64 4.35 16.38 -33.32
N GLY B 65 4.77 17.16 -34.28
CA GLY B 65 4.28 16.98 -35.63
C GLY B 65 2.82 17.35 -35.63
N ASP B 66 2.16 17.03 -36.73
CA ASP B 66 0.80 17.47 -36.96
C ASP B 66 -0.20 16.35 -36.87
N ASP B 67 0.22 15.12 -37.06
CA ASP B 67 -0.74 14.04 -37.19
C ASP B 67 -1.03 13.26 -35.95
N PHE B 68 -0.18 13.45 -34.95
CA PHE B 68 -0.22 12.66 -33.75
C PHE B 68 0.05 13.54 -32.53
N ARG B 69 -0.55 13.12 -31.40
CA ARG B 69 -0.32 13.69 -30.10
C ARG B 69 0.10 12.62 -29.07
N LEU B 70 1.01 12.96 -28.18
CA LEU B 70 1.50 12.03 -27.20
C LEU B 70 0.82 12.41 -25.90
N ILE B 71 0.01 11.50 -25.40
CA ILE B 71 -0.76 11.74 -24.18
C ILE B 71 -0.09 10.98 -23.06
N SER B 72 0.43 11.73 -22.10
CA SER B 72 1.19 11.20 -20.98
C SER B 72 0.44 11.44 -19.69
N HIS B 73 0.33 10.38 -18.92
CA HIS B 73 -0.22 10.42 -17.55
C HIS B 73 0.82 9.87 -16.54
N LEU B 74 1.11 10.65 -15.52
CA LEU B 74 2.17 10.35 -14.60
C LEU B 74 1.70 9.50 -13.43
N ARG B 75 0.40 9.26 -13.39
CA ARG B 75 -0.23 8.54 -12.30
C ARG B 75 0.26 8.97 -10.92
N MET B 76 0.77 8.04 -10.14
CA MET B 76 1.17 8.31 -8.76
C MET B 76 2.47 9.08 -8.62
N GLU B 77 3.51 8.62 -9.29
CA GLU B 77 4.88 9.06 -9.03
C GLU B 77 5.73 9.47 -10.23
N GLY B 78 5.16 9.47 -11.42
CA GLY B 78 5.89 9.73 -12.62
C GLY B 78 6.53 11.09 -12.62
N LYS B 79 7.70 11.18 -13.26
CA LYS B 79 8.60 12.34 -13.10
C LYS B 79 9.38 12.49 -14.38
N TYR B 80 9.37 13.70 -14.92
CA TYR B 80 10.20 14.05 -16.03
C TYR B 80 11.37 14.86 -15.54
N ARG B 81 12.50 14.71 -16.21
CA ARG B 81 13.64 15.60 -16.00
C ARG B 81 14.46 15.83 -17.26
N LEU B 82 15.26 16.90 -17.26
CA LEU B 82 16.08 17.23 -18.38
C LEU B 82 17.48 16.90 -17.92
N ALA B 83 18.22 16.13 -18.71
CA ALA B 83 19.63 15.78 -18.39
C ALA B 83 20.51 16.01 -19.61
N THR B 84 21.81 16.03 -19.38
CA THR B 84 22.81 16.06 -20.43
C THR B 84 22.82 14.71 -21.19
N LEU B 85 23.41 14.71 -22.35
CA LEU B 85 23.42 13.50 -23.25
C LEU B 85 24.20 12.33 -22.67
N ASP B 86 25.22 12.63 -21.91
CA ASP B 86 26.04 11.63 -21.30
C ASP B 86 25.62 11.37 -19.83
N ALA B 87 24.39 11.70 -19.46
CA ALA B 87 23.91 11.50 -18.09
C ALA B 87 23.82 10.02 -17.74
N PRO B 88 24.21 9.65 -16.52
CA PRO B 88 24.09 8.24 -16.14
C PRO B 88 22.65 7.86 -15.99
N ARG B 89 22.33 6.61 -16.23
CA ARG B 89 20.97 6.14 -16.02
C ARG B 89 20.71 6.13 -14.55
N GLU B 90 19.44 6.19 -14.21
CA GLU B 90 18.98 6.08 -12.85
C GLU B 90 18.03 4.92 -12.79
N LYS B 91 17.93 4.31 -11.61
CA LYS B 91 17.30 2.99 -11.45
C LYS B 91 15.89 2.90 -12.11
N HIS B 92 15.04 3.91 -11.94
CA HIS B 92 13.65 3.83 -12.39
C HIS B 92 13.33 4.66 -13.65
N ASP B 93 14.34 5.00 -14.43
CA ASP B 93 14.18 5.70 -15.70
C ASP B 93 13.55 4.68 -16.68
N HIS B 94 12.53 5.07 -17.43
CA HIS B 94 11.89 4.12 -18.38
C HIS B 94 11.97 4.51 -19.85
N LEU B 95 11.92 5.81 -20.13
CA LEU B 95 11.89 6.34 -21.48
C LEU B 95 12.71 7.58 -21.55
N THR B 96 13.33 7.79 -22.71
CA THR B 96 13.92 9.07 -22.98
C THR B 96 13.71 9.55 -24.38
N MET B 97 13.55 10.85 -24.49
CA MET B 97 13.42 11.54 -25.71
C MET B 97 14.70 12.38 -25.85
N LYS B 98 15.48 12.09 -26.90
CA LYS B 98 16.77 12.72 -27.11
C LYS B 98 16.74 13.88 -28.12
N PHE B 99 17.44 14.96 -27.72
CA PHE B 99 17.58 16.18 -28.50
C PHE B 99 19.04 16.42 -28.80
N SER B 100 19.37 17.41 -29.62
CA SER B 100 20.74 17.55 -30.03
C SER B 100 21.62 18.07 -28.91
N ASP B 101 21.03 18.64 -27.86
CA ASP B 101 21.78 19.27 -26.76
C ASP B 101 21.44 18.65 -25.35
N GLY B 102 20.71 17.55 -25.32
CA GLY B 102 20.33 16.96 -24.04
C GLY B 102 19.14 16.06 -24.27
N GLN B 103 18.49 15.63 -23.19
CA GLN B 103 17.37 14.65 -23.29
C GLN B 103 16.29 14.85 -22.21
N LEU B 104 15.09 14.38 -22.50
CA LEU B 104 13.97 14.43 -21.58
C LEU B 104 13.71 13.02 -21.11
N ILE B 105 13.91 12.75 -19.83
CA ILE B 105 13.81 11.39 -19.32
C ILE B 105 12.53 11.25 -18.47
N TYR B 106 11.81 10.17 -18.69
CA TYR B 106 10.69 9.83 -17.84
C TYR B 106 11.04 8.68 -16.87
N ALA B 107 10.82 8.91 -15.59
CA ALA B 107 11.07 7.92 -14.51
C ALA B 107 9.75 7.73 -13.74
N ASP B 108 9.56 6.55 -13.15
CA ASP B 108 8.36 6.20 -12.42
C ASP B 108 8.66 4.94 -11.61
N VAL B 109 8.93 5.10 -10.30
CA VAL B 109 9.25 4.01 -9.40
C VAL B 109 8.26 2.85 -9.56
N ARG B 110 6.96 3.15 -9.60
CA ARG B 110 5.94 2.12 -9.55
C ARG B 110 5.43 1.70 -10.92
N LYS B 111 5.89 2.34 -11.98
CA LYS B 111 5.55 1.90 -13.32
C LYS B 111 4.06 1.99 -13.63
N PHE B 112 3.37 2.92 -12.99
CA PHE B 112 1.96 3.14 -13.29
C PHE B 112 1.73 4.09 -14.47
N GLY B 113 2.68 4.99 -14.69
CA GLY B 113 2.57 6.04 -15.71
C GLY B 113 2.46 5.41 -17.09
N THR B 114 1.81 6.14 -18.00
CA THR B 114 1.47 5.69 -19.34
C THR B 114 1.71 6.75 -20.40
N TRP B 115 2.11 6.25 -21.59
CA TRP B 115 2.10 7.04 -22.79
C TRP B 115 1.16 6.43 -23.80
N GLU B 116 0.50 7.29 -24.56
CA GLU B 116 -0.37 6.86 -25.66
C GLU B 116 -0.21 7.80 -26.82
N LEU B 117 -0.04 7.21 -27.98
CA LEU B 117 0.01 7.92 -29.24
C LEU B 117 -1.43 8.00 -29.83
N ILE B 118 -1.94 9.20 -30.03
CA ILE B 118 -3.31 9.36 -30.53
C ILE B 118 -3.29 10.33 -31.72
N SER B 119 -4.01 10.02 -32.79
CA SER B 119 -4.04 10.89 -33.95
C SER B 119 -4.74 12.18 -33.57
N THR B 120 -4.30 13.28 -34.17
CA THR B 120 -4.70 14.61 -33.69
C THR B 120 -6.26 14.74 -33.57
N ASP B 121 -6.99 14.28 -34.57
CA ASP B 121 -8.46 14.41 -34.54
C ASP B 121 -9.11 13.40 -33.62
N GLN B 122 -8.35 12.60 -32.90
CA GLN B 122 -8.91 11.72 -31.90
C GLN B 122 -8.62 12.21 -30.45
N VAL B 123 -8.04 13.39 -30.30
CA VAL B 123 -7.72 13.89 -28.98
C VAL B 123 -8.95 14.33 -28.19
N LEU B 124 -9.81 15.11 -28.83
CA LEU B 124 -11.06 15.49 -28.19
C LEU B 124 -11.96 14.30 -27.88
N PRO B 125 -12.10 13.38 -28.82
CA PRO B 125 -12.84 12.16 -28.49
C PRO B 125 -12.16 11.31 -27.40
N TYR B 126 -10.84 11.35 -27.32
CA TYR B 126 -10.16 10.56 -26.26
C TYR B 126 -10.69 10.99 -24.88
N PHE B 127 -10.80 12.30 -24.70
CA PHE B 127 -11.25 12.92 -23.43
C PHE B 127 -12.74 12.79 -23.23
N LEU B 128 -13.51 12.95 -24.28
CA LEU B 128 -14.96 12.74 -24.19
C LEU B 128 -15.29 11.28 -23.83
N ASN B 129 -14.64 10.35 -24.48
CA ASN B 129 -14.78 8.98 -24.15
C ASN B 129 -14.51 8.69 -22.66
N LYS B 130 -13.55 9.35 -22.01
CA LYS B 130 -13.39 9.18 -20.57
C LYS B 130 -14.38 9.94 -19.73
N LYS B 131 -15.17 10.82 -20.31
CA LYS B 131 -16.07 11.66 -19.51
C LYS B 131 -15.33 12.56 -18.50
N ILE B 132 -14.15 13.03 -18.87
CA ILE B 132 -13.45 13.92 -17.97
C ILE B 132 -14.31 15.18 -17.75
N GLY B 133 -14.38 15.60 -16.50
CA GLY B 133 -15.15 16.80 -16.20
C GLY B 133 -14.48 18.09 -16.61
N PRO B 134 -15.09 19.23 -16.24
CA PRO B 134 -14.51 20.53 -16.63
C PRO B 134 -13.18 20.85 -15.91
N GLU B 135 -12.37 21.68 -16.51
CA GLU B 135 -11.27 22.32 -15.83
C GLU B 135 -11.81 23.21 -14.68
N PRO B 136 -11.05 23.29 -13.58
CA PRO B 136 -11.45 24.02 -12.37
C PRO B 136 -11.15 25.52 -12.51
N THR B 137 -11.84 26.15 -13.45
CA THR B 137 -11.76 27.61 -13.63
C THR B 137 -13.18 28.13 -13.52
N TYR B 138 -13.36 29.42 -13.26
CA TYR B 138 -14.71 29.99 -13.24
C TYR B 138 -15.37 29.83 -14.57
N GLU B 139 -14.59 29.92 -15.63
CA GLU B 139 -15.15 29.93 -16.99
C GLU B 139 -15.69 28.58 -17.43
N ASP B 140 -15.09 27.50 -16.94
CA ASP B 140 -15.36 26.14 -17.43
C ASP B 140 -16.18 25.33 -16.48
N PHE B 141 -16.04 25.58 -15.19
CA PHE B 141 -16.64 24.76 -14.16
C PHE B 141 -17.96 25.42 -13.79
N ASP B 142 -19.04 24.99 -14.44
CA ASP B 142 -20.40 25.56 -14.26
C ASP B 142 -21.09 25.02 -13.04
N GLU B 143 -21.40 25.91 -12.10
CA GLU B 143 -21.94 25.47 -10.82
C GLU B 143 -23.31 24.82 -10.97
N LYS B 144 -24.08 25.24 -11.97
CA LYS B 144 -25.42 24.74 -12.20
C LYS B 144 -25.41 23.24 -12.56
N LEU B 145 -24.57 22.83 -13.52
CA LEU B 145 -24.39 21.38 -13.88
C LEU B 145 -23.92 20.56 -12.73
N PHE B 146 -22.94 21.12 -12.07
CA PHE B 146 -22.32 20.53 -10.89
C PHE B 146 -23.43 20.21 -9.90
N ARG B 147 -24.28 21.19 -9.62
CA ARG B 147 -25.37 21.00 -8.65
C ARG B 147 -26.32 19.89 -9.08
N GLU B 148 -26.72 19.92 -10.34
CA GLU B 148 -27.64 18.93 -10.82
C GLU B 148 -27.09 17.51 -10.69
N LYS B 149 -25.81 17.34 -11.00
CA LYS B 149 -25.19 16.01 -10.88
C LYS B 149 -25.19 15.52 -9.45
N LEU B 150 -24.77 16.39 -8.53
CA LEU B 150 -24.81 16.08 -7.11
C LEU B 150 -26.19 15.74 -6.57
N ARG B 151 -27.20 16.54 -6.93
CA ARG B 151 -28.55 16.34 -6.43
C ARG B 151 -29.15 14.97 -6.80
N LYS B 152 -28.59 14.39 -7.85
CA LYS B 152 -29.09 13.17 -8.39
C LYS B 152 -28.33 11.92 -7.91
N SER B 153 -27.33 12.05 -7.04
CA SER B 153 -26.42 10.91 -6.72
C SER B 153 -26.33 10.61 -5.25
N THR B 154 -26.22 9.33 -4.96
CA THR B 154 -26.08 8.82 -3.63
C THR B 154 -24.62 8.56 -3.26
N LYS B 155 -23.73 8.80 -4.20
CA LYS B 155 -22.33 8.57 -3.96
C LYS B 155 -21.79 9.43 -2.82
N LYS B 156 -20.84 8.90 -2.06
CA LYS B 156 -20.08 9.67 -1.08
C LYS B 156 -19.27 10.71 -1.80
N ILE B 157 -19.28 11.93 -1.25
CA ILE B 157 -18.74 13.03 -2.03
C ILE B 157 -17.25 12.89 -2.39
N LYS B 158 -16.42 12.39 -1.47
CA LYS B 158 -15.01 12.29 -1.73
C LYS B 158 -14.66 11.37 -2.93
N PRO B 159 -15.09 10.10 -2.88
CA PRO B 159 -14.87 9.23 -4.11
C PRO B 159 -15.48 9.85 -5.38
N TYR B 160 -16.65 10.48 -5.31
CA TYR B 160 -17.21 11.10 -6.50
C TYR B 160 -16.32 12.21 -7.10
N LEU B 161 -15.79 13.05 -6.22
CA LEU B 161 -14.86 14.09 -6.68
C LEU B 161 -13.61 13.47 -7.33
N LEU B 162 -13.07 12.42 -6.73
CA LEU B 162 -11.91 11.73 -7.26
C LEU B 162 -12.08 11.10 -8.62
N GLU B 163 -13.30 10.87 -9.06
CA GLU B 163 -13.56 10.20 -10.31
C GLU B 163 -13.22 11.04 -11.52
N GLN B 164 -13.07 12.34 -11.35
CA GLN B 164 -12.68 13.24 -12.39
C GLN B 164 -13.84 13.69 -13.28
N THR B 165 -15.07 13.22 -13.02
CA THR B 165 -16.23 13.46 -13.89
C THR B 165 -17.01 14.75 -13.55
N LEU B 166 -17.07 15.08 -12.28
CA LEU B 166 -17.67 16.31 -11.83
C LEU B 166 -16.84 17.52 -12.19
N VAL B 167 -15.54 17.35 -12.00
CA VAL B 167 -14.54 18.32 -12.27
C VAL B 167 -13.23 17.58 -12.32
N ALA B 168 -12.31 18.10 -13.12
CA ALA B 168 -11.10 17.34 -13.42
C ALA B 168 -9.96 17.89 -12.62
N GLY B 169 -9.12 17.02 -12.06
CA GLY B 169 -7.87 17.47 -11.47
C GLY B 169 -7.62 17.24 -10.00
N LEU B 170 -8.68 16.90 -9.22
CA LEU B 170 -8.47 16.61 -7.79
C LEU B 170 -7.90 15.24 -7.63
N GLY B 171 -6.95 15.15 -6.71
CA GLY B 171 -6.42 13.90 -6.21
C GLY B 171 -6.64 13.83 -4.71
N ASN B 172 -5.99 12.88 -4.05
CA ASN B 172 -6.22 12.67 -2.63
C ASN B 172 -5.91 13.88 -1.73
N ILE B 173 -4.87 14.63 -2.06
CA ILE B 173 -4.51 15.79 -1.27
C ILE B 173 -5.52 16.90 -1.39
N TYR B 174 -5.74 17.36 -2.61
CA TYR B 174 -6.60 18.50 -2.82
C TYR B 174 -8.06 18.23 -2.53
N VAL B 175 -8.50 16.98 -2.66
CA VAL B 175 -9.87 16.66 -2.32
C VAL B 175 -10.07 16.77 -0.80
N ASP B 176 -9.05 16.32 -0.02
CA ASP B 176 -9.11 16.42 1.42
C ASP B 176 -9.14 17.91 1.74
N GLU B 177 -8.26 18.70 1.07
CA GLU B 177 -8.18 20.13 1.38
C GLU B 177 -9.46 20.88 1.08
N VAL B 178 -10.05 20.61 -0.08
CA VAL B 178 -11.30 21.22 -0.50
C VAL B 178 -12.43 20.93 0.50
N LEU B 179 -12.59 19.66 0.88
CA LEU B 179 -13.68 19.30 1.75
C LEU B 179 -13.55 19.93 3.13
N TRP B 180 -12.32 20.11 3.61
CA TRP B 180 -12.12 20.77 4.87
C TRP B 180 -12.48 22.24 4.73
N LEU B 181 -12.06 22.88 3.65
CA LEU B 181 -12.41 24.29 3.43
C LEU B 181 -13.94 24.53 3.32
N ALA B 182 -14.64 23.60 2.66
CA ALA B 182 -16.07 23.70 2.48
C ALA B 182 -16.86 23.13 3.65
N LYS B 183 -16.16 22.61 4.66
CA LYS B 183 -16.75 22.03 5.81
C LYS B 183 -17.67 20.87 5.50
N ILE B 184 -17.28 19.97 4.60
CA ILE B 184 -18.10 18.84 4.21
C ILE B 184 -17.39 17.53 4.60
N HIS B 185 -18.14 16.59 5.14
CA HIS B 185 -17.62 15.30 5.48
C HIS B 185 -17.37 14.49 4.21
N PRO B 186 -16.22 13.83 4.10
CA PRO B 186 -15.89 13.06 2.89
C PRO B 186 -16.93 11.99 2.54
N GLU B 187 -17.59 11.45 3.56
CA GLU B 187 -18.58 10.38 3.41
C GLU B 187 -20.02 10.90 3.24
N LYS B 188 -20.20 12.21 3.17
CA LYS B 188 -21.53 12.74 2.99
C LYS B 188 -22.05 12.39 1.57
N GLU B 189 -23.29 11.91 1.50
CA GLU B 189 -23.89 11.58 0.21
C GLU B 189 -24.16 12.84 -0.57
N ALA B 190 -23.92 12.75 -1.88
CA ALA B 190 -23.93 13.95 -2.67
C ALA B 190 -25.26 14.66 -2.59
N ASN B 191 -26.33 13.88 -2.54
CA ASN B 191 -27.65 14.44 -2.59
C ASN B 191 -28.10 15.03 -1.27
N GLN B 192 -27.32 14.92 -0.22
CA GLN B 192 -27.62 15.56 1.03
C GLN B 192 -26.90 16.93 1.10
N LEU B 193 -26.17 17.31 0.06
CA LEU B 193 -25.49 18.59 0.10
C LEU B 193 -26.42 19.76 -0.17
N ILE B 194 -26.37 20.78 0.69
CA ILE B 194 -27.20 21.97 0.52
C ILE B 194 -26.68 22.80 -0.63
N GLU B 195 -27.57 23.57 -1.24
CA GLU B 195 -27.18 24.47 -2.30
C GLU B 195 -26.03 25.38 -1.84
N SER B 196 -26.00 25.79 -0.58
CA SER B 196 -24.98 26.71 -0.16
C SER B 196 -23.69 25.98 0.04
N SER B 197 -23.78 24.74 0.50
CA SER B 197 -22.60 23.87 0.59
C SER B 197 -22.00 23.67 -0.78
N ILE B 198 -22.86 23.47 -1.76
CA ILE B 198 -22.38 23.15 -3.09
C ILE B 198 -21.68 24.37 -3.67
N HIS B 199 -22.24 25.52 -3.42
CA HIS B 199 -21.64 26.75 -3.91
C HIS B 199 -20.24 26.96 -3.32
N LEU B 200 -20.13 26.77 -2.01
CA LEU B 200 -18.86 26.86 -1.30
C LEU B 200 -17.88 25.79 -1.77
N LEU B 201 -18.39 24.59 -2.04
CA LEU B 201 -17.54 23.53 -2.50
C LEU B 201 -16.95 23.90 -3.86
N HIS B 202 -17.84 24.31 -4.77
CA HIS B 202 -17.46 24.70 -6.10
C HIS B 202 -16.37 25.76 -6.08
N ASP B 203 -16.55 26.77 -5.29
CA ASP B 203 -15.59 27.84 -5.23
C ASP B 203 -14.25 27.37 -4.61
N SER B 204 -14.33 26.59 -3.54
CA SER B 204 -13.13 26.10 -2.86
C SER B 204 -12.20 25.23 -3.81
N ILE B 205 -12.83 24.48 -4.70
CA ILE B 205 -12.10 23.70 -5.68
C ILE B 205 -11.26 24.60 -6.55
N ILE B 206 -11.91 25.62 -7.09
CA ILE B 206 -11.25 26.58 -7.95
C ILE B 206 -10.20 27.33 -7.15
N GLU B 207 -10.56 27.81 -5.99
CA GLU B 207 -9.63 28.64 -5.20
C GLU B 207 -8.37 27.84 -4.83
N ILE B 208 -8.52 26.63 -4.34
CA ILE B 208 -7.35 25.78 -3.92
C ILE B 208 -6.47 25.35 -5.07
N LEU B 209 -7.09 24.91 -6.15
CA LEU B 209 -6.31 24.44 -7.30
C LEU B 209 -5.56 25.58 -7.98
N GLN B 210 -6.17 26.77 -8.04
CA GLN B 210 -5.44 27.99 -8.57
C GLN B 210 -4.29 28.52 -7.63
N LYS B 211 -4.52 28.53 -6.33
CA LYS B 211 -3.48 28.87 -5.33
C LYS B 211 -2.37 27.81 -5.44
N ALA B 212 -2.76 26.54 -5.60
CA ALA B 212 -1.76 25.51 -5.75
C ALA B 212 -0.89 25.69 -7.02
N ILE B 213 -1.52 25.97 -8.16
CA ILE B 213 -0.79 26.25 -9.38
C ILE B 213 0.14 27.46 -9.24
N LYS B 214 -0.36 28.51 -8.61
CA LYS B 214 0.44 29.70 -8.33
C LYS B 214 1.67 29.42 -7.52
N LEU B 215 1.52 28.55 -6.53
CA LEU B 215 2.60 28.23 -5.65
C LEU B 215 3.49 27.12 -6.20
N GLY B 216 3.28 26.75 -7.46
CA GLY B 216 4.20 25.77 -8.07
C GLY B 216 3.96 24.30 -7.63
N GLY B 217 2.79 24.03 -7.06
CA GLY B 217 2.45 22.68 -6.64
C GLY B 217 2.94 22.34 -5.23
N SER B 218 2.62 21.10 -4.81
CA SER B 218 3.01 20.62 -3.51
C SER B 218 4.21 19.72 -3.67
N SER B 219 5.29 19.99 -2.97
CA SER B 219 6.42 19.08 -2.95
C SER B 219 6.47 18.38 -1.61
N ILE B 220 6.03 17.13 -1.62
CA ILE B 220 6.02 16.31 -0.43
C ILE B 220 7.31 15.52 -0.32
N ARG B 221 7.52 14.64 -1.29
CA ARG B 221 8.70 13.76 -1.29
C ARG B 221 9.29 13.62 -2.69
N LEU B 226 12.03 18.42 -12.60
CA LEU B 226 11.00 19.42 -12.92
C LEU B 226 9.74 19.25 -12.08
N GLY B 227 9.19 20.38 -11.63
CA GLY B 227 8.08 20.40 -10.65
C GLY B 227 8.42 20.38 -9.15
N SER B 228 9.64 19.99 -8.76
CA SER B 228 9.95 19.68 -7.33
C SER B 228 10.32 20.85 -6.40
N THR B 229 10.11 22.09 -6.85
CA THR B 229 10.41 23.27 -6.04
C THR B 229 9.11 23.93 -5.63
N GLY B 230 8.09 23.14 -5.32
CA GLY B 230 6.80 23.68 -5.01
C GLY B 230 6.74 24.24 -3.60
N LYS B 231 5.75 25.11 -3.36
CA LYS B 231 5.45 25.70 -2.02
C LYS B 231 4.09 25.37 -1.42
N MET B 232 3.25 24.68 -2.16
CA MET B 232 1.89 24.46 -1.69
C MET B 232 1.84 23.55 -0.46
N GLN B 233 2.85 22.66 -0.32
CA GLN B 233 2.89 21.74 0.83
C GLN B 233 2.87 22.49 2.17
N ASN B 234 3.27 23.75 2.17
CA ASN B 234 3.23 24.55 3.38
C ASN B 234 1.91 25.14 3.71
N GLU B 235 0.98 25.04 2.78
CA GLU B 235 -0.33 25.60 2.95
C GLU B 235 -1.37 24.54 3.24
N LEU B 236 -0.96 23.28 3.39
CA LEU B 236 -1.94 22.22 3.61
C LEU B 236 -2.52 22.32 5.03
N GLN B 237 -3.81 22.09 5.12
CA GLN B 237 -4.56 22.15 6.38
C GLN B 237 -4.95 20.83 6.98
N VAL B 238 -5.09 19.78 6.19
CA VAL B 238 -5.49 18.49 6.73
C VAL B 238 -4.72 17.29 6.20
N TYR B 239 -4.44 17.26 4.90
CA TYR B 239 -3.76 16.12 4.32
C TYR B 239 -2.46 15.87 5.04
N GLY B 240 -2.28 14.68 5.58
CA GLY B 240 -1.07 14.37 6.32
C GLY B 240 -0.92 15.10 7.64
N LYS B 241 -2.01 15.61 8.20
CA LYS B 241 -1.94 16.34 9.49
C LYS B 241 -2.59 15.59 10.64
N THR B 242 -2.62 14.26 10.55
CA THR B 242 -3.34 13.42 11.51
C THR B 242 -2.84 13.67 12.92
N GLY B 243 -3.74 13.87 13.87
CA GLY B 243 -3.29 14.10 15.22
C GLY B 243 -2.92 15.54 15.48
N GLU B 244 -2.75 16.39 14.48
CA GLU B 244 -2.55 17.82 14.69
C GLU B 244 -3.87 18.55 14.92
N LYS B 245 -3.77 19.78 15.40
CA LYS B 245 -4.97 20.62 15.64
C LYS B 245 -5.52 21.23 14.34
N CYS B 246 -6.85 21.15 14.14
CA CYS B 246 -7.54 21.86 13.11
C CYS B 246 -7.26 23.37 13.31
N SER B 247 -6.94 24.06 12.24
CA SER B 247 -6.59 25.47 12.35
C SER B 247 -7.83 26.33 12.54
N ARG B 248 -8.99 25.76 12.25
CA ARG B 248 -10.23 26.51 12.35
C ARG B 248 -10.95 26.37 13.70
N CYS B 249 -10.87 25.20 14.32
CA CYS B 249 -11.60 24.95 15.56
C CYS B 249 -10.76 24.37 16.70
N GLY B 250 -9.53 24.00 16.40
CA GLY B 250 -8.66 23.39 17.40
C GLY B 250 -8.79 21.89 17.59
N ALA B 251 -9.76 21.25 16.97
CA ALA B 251 -9.95 19.82 17.20
C ALA B 251 -8.84 18.95 16.53
N GLU B 252 -8.69 17.74 17.00
CA GLU B 252 -7.69 16.82 16.44
C GLU B 252 -8.05 16.33 15.07
N ILE B 253 -7.15 16.46 14.12
CA ILE B 253 -7.41 15.95 12.80
C ILE B 253 -7.43 14.41 12.87
N GLN B 254 -8.45 13.78 12.29
CA GLN B 254 -8.55 12.34 12.22
C GLN B 254 -8.27 11.80 10.82
N LYS B 255 -7.86 10.54 10.75
CA LYS B 255 -7.67 9.86 9.48
C LYS B 255 -8.48 8.59 9.48
N ILE B 256 -9.22 8.38 8.40
CA ILE B 256 -10.01 7.15 8.20
C ILE B 256 -9.77 6.70 6.76
N LYS B 257 -10.34 5.55 6.42
CA LYS B 257 -10.33 5.03 5.07
C LYS B 257 -11.67 5.19 4.39
N VAL B 258 -11.70 5.77 3.20
CA VAL B 258 -12.95 5.99 2.48
C VAL B 258 -12.73 5.51 1.08
N ALA B 259 -13.50 4.51 0.69
CA ALA B 259 -13.33 3.84 -0.57
C ALA B 259 -11.85 3.52 -0.83
N GLY B 260 -11.18 2.96 0.17
CA GLY B 260 -9.81 2.52 0.02
C GLY B 260 -8.73 3.57 0.08
N ARG B 261 -9.09 4.84 0.26
CA ARG B 261 -8.11 5.91 0.29
C ARG B 261 -7.96 6.54 1.68
N GLY B 262 -6.73 6.84 2.07
CA GLY B 262 -6.47 7.58 3.29
C GLY B 262 -7.14 8.93 3.25
N THR B 263 -7.79 9.33 4.33
CA THR B 263 -8.65 10.47 4.32
C THR B 263 -8.55 11.23 5.64
N HIS B 264 -8.19 12.50 5.53
CA HIS B 264 -7.94 13.35 6.68
C HIS B 264 -8.99 14.44 6.77
N PHE B 265 -9.64 14.57 7.93
CA PHE B 265 -10.69 15.57 8.11
C PHE B 265 -10.71 16.02 9.58
N CYS B 266 -11.31 17.18 9.84
CA CYS B 266 -11.64 17.62 11.17
C CYS B 266 -13.05 17.12 11.47
N PRO B 267 -13.18 16.27 12.49
CA PRO B 267 -14.54 15.80 12.80
C PRO B 267 -15.51 16.86 13.38
N PHE B 268 -15.00 18.01 13.81
CA PHE B 268 -15.85 19.08 14.39
C PHE B 268 -16.37 19.82 13.13
N CYS B 269 -15.46 20.20 12.25
CA CYS B 269 -15.81 21.04 11.12
C CYS B 269 -16.54 20.26 10.02
N GLN B 270 -16.34 18.94 9.96
CA GLN B 270 -16.92 18.16 8.87
C GLN B 270 -17.76 17.04 9.48
N GLN B 271 -19.06 17.24 9.66
CA GLN B 271 -19.90 16.21 10.24
C GLN B 271 -20.78 15.62 9.20
N LYS B 272 -20.92 14.32 9.25
CA LYS B 272 -21.66 13.61 8.24
C LYS B 272 -23.09 13.51 8.79
#